data_4MUR
#
_entry.id   4MUR
#
_cell.length_a   44.239
_cell.length_b   44.725
_cell.length_c   62.519
_cell.angle_alpha   86.27
_cell.angle_beta   77.70
_cell.angle_gamma   63.74
#
_symmetry.space_group_name_H-M   'P 1'
#
loop_
_entity.id
_entity.type
_entity.pdbx_description
1 polymer D,D-dipeptidase/D,D-carboxypeptidase
2 non-polymer 'ZINC ION'
3 non-polymer 'CHLORIDE ION'
4 non-polymer 3,6,9,12,15,18,21,24,27,30,33,36,39-TRIDECAOXAHENTETRACONTANE-1,41-DIOL
5 non-polymer 'SULFATE ION'
6 water water
#
_entity_poly.entity_id   1
_entity_poly.type   'polypeptide(L)'
_entity_poly.pdbx_seq_one_letter_code
;MGSSHHHHHHSSGRENLYFQGMNTLQLINKNHPLKKNQEPPHLVLAPFSDHDVYLQPEVAKQWERLVRATGLEKDIRLVS
GYRTEKEQRRLWEYSLKENGLAYTKQFVALPGCSEHQIGLAIDVGLKKQEDDDLICPHFRDSAAADLFMQQMMNYGFILR
YPEDKQEITGISYEPWHFRYVGLPHSQVITAQKWTLEEYHDYLAQTVRQFA
;
_entity_poly.pdbx_strand_id   A,B
#
loop_
_chem_comp.id
_chem_comp.type
_chem_comp.name
_chem_comp.formula
CL non-polymer 'CHLORIDE ION' 'Cl -1'
PE3 non-polymer 3,6,9,12,15,18,21,24,27,30,33,36,39-TRIDECAOXAHENTETRACONTANE-1,41-DIOL 'C28 H58 O15'
SO4 non-polymer 'SULFATE ION' 'O4 S -2'
ZN non-polymer 'ZINC ION' 'Zn 2'
#
# COMPACT_ATOMS: atom_id res chain seq x y z
N MET A 22 22.68 -7.76 -5.51
CA MET A 22 21.91 -6.81 -4.73
C MET A 22 22.67 -5.48 -4.62
N ASN A 23 22.84 -4.79 -5.74
CA ASN A 23 23.53 -3.51 -5.72
C ASN A 23 22.58 -2.39 -5.32
N THR A 24 22.85 -1.78 -4.16
CA THR A 24 22.08 -0.65 -3.69
C THR A 24 22.29 0.56 -4.58
N LEU A 25 23.22 0.47 -5.52
CA LEU A 25 23.48 1.59 -6.42
C LEU A 25 22.82 1.46 -7.78
N GLN A 26 22.03 0.40 -7.99
CA GLN A 26 21.46 0.12 -9.31
C GLN A 26 20.72 1.33 -9.89
N LEU A 27 21.09 1.71 -11.10
CA LEU A 27 20.43 2.82 -11.80
C LEU A 27 19.21 2.30 -12.54
N ILE A 28 18.04 2.77 -12.15
CA ILE A 28 16.78 2.38 -12.78
C ILE A 28 16.08 3.64 -13.22
N ASN A 29 15.88 3.76 -14.54
CA ASN A 29 15.17 4.90 -15.11
C ASN A 29 14.70 4.55 -16.50
N LYS A 30 14.15 5.53 -17.23
CA LYS A 30 13.63 5.25 -18.56
C LYS A 30 14.66 4.60 -19.49
N ASN A 31 15.91 5.05 -19.41
CA ASN A 31 16.98 4.51 -20.24
C ASN A 31 17.61 3.23 -19.70
N HIS A 32 17.28 2.90 -18.46
CA HIS A 32 17.81 1.71 -17.79
C HIS A 32 16.69 1.00 -17.05
N PRO A 33 15.83 0.29 -17.80
CA PRO A 33 14.72 -0.36 -17.11
C PRO A 33 15.19 -1.59 -16.35
N LEU A 34 14.36 -2.09 -15.46
CA LEU A 34 14.68 -3.32 -14.74
C LEU A 34 14.81 -4.47 -15.72
N LYS A 35 15.72 -5.40 -15.41
CA LYS A 35 15.84 -6.61 -16.21
C LYS A 35 14.52 -7.36 -16.09
N LYS A 36 14.21 -8.17 -17.09
CA LYS A 36 13.09 -9.09 -16.95
C LYS A 36 13.51 -10.16 -15.97
N ASN A 37 14.81 -10.49 -16.01
CA ASN A 37 15.37 -11.56 -15.19
C ASN A 37 15.82 -11.13 -13.79
N GLN A 38 15.42 -9.92 -13.38
CA GLN A 38 15.82 -9.38 -12.08
C GLN A 38 15.20 -10.18 -10.93
N GLU A 39 16.04 -10.54 -9.95
CA GLU A 39 15.56 -11.12 -8.71
C GLU A 39 14.61 -10.13 -8.05
N PRO A 40 13.41 -10.61 -7.64
CA PRO A 40 12.61 -9.71 -6.80
C PRO A 40 13.31 -9.53 -5.46
N PRO A 41 13.10 -8.39 -4.81
CA PRO A 41 13.89 -8.09 -3.61
C PRO A 41 13.42 -8.86 -2.38
N HIS A 42 14.31 -9.03 -1.39
CA HIS A 42 13.88 -9.40 -0.04
C HIS A 42 13.00 -8.27 0.45
N LEU A 43 11.99 -8.58 1.26
CA LEU A 43 11.06 -7.56 1.75
C LEU A 43 10.74 -7.76 3.22
N VAL A 44 10.49 -6.66 3.92
CA VAL A 44 10.01 -6.67 5.29
CA VAL A 44 10.01 -6.65 5.31
C VAL A 44 8.98 -5.55 5.37
N LEU A 45 8.05 -5.63 6.33
CA LEU A 45 7.13 -4.53 6.56
CA LEU A 45 7.12 -4.53 6.58
C LEU A 45 7.89 -3.37 7.21
N ALA A 46 7.59 -2.14 6.77
CA ALA A 46 8.31 -0.99 7.27
C ALA A 46 7.43 -0.20 8.23
N PRO A 47 8.01 0.24 9.36
CA PRO A 47 7.28 1.00 10.39
C PRO A 47 7.04 2.44 9.95
N PHE A 48 6.29 3.17 10.79
CA PHE A 48 6.07 4.60 10.61
C PHE A 48 5.25 4.92 9.37
N SER A 49 4.15 4.17 9.21
CA SER A 49 3.17 4.44 8.19
C SER A 49 1.79 4.23 8.75
N ASP A 50 0.76 4.68 8.04
CA ASP A 50 -0.61 4.45 8.51
C ASP A 50 -1.26 3.29 7.77
N HIS A 51 -0.46 2.56 7.00
CA HIS A 51 -0.89 1.38 6.26
C HIS A 51 0.31 0.48 6.02
N ASP A 52 0.08 -0.70 5.47
CA ASP A 52 1.19 -1.64 5.28
C ASP A 52 2.05 -1.24 4.07
N VAL A 53 3.34 -0.99 4.31
CA VAL A 53 4.29 -0.65 3.25
C VAL A 53 5.46 -1.62 3.41
N TYR A 54 6.04 -2.05 2.29
CA TYR A 54 7.13 -3.02 2.31
C TYR A 54 8.39 -2.46 1.67
N LEU A 55 9.56 -2.83 2.20
CA LEU A 55 10.84 -2.33 1.66
C LEU A 55 11.88 -3.41 1.81
N GLN A 56 13.00 -3.28 1.10
CA GLN A 56 14.12 -4.17 1.36
CA GLN A 56 14.15 -4.13 1.34
C GLN A 56 14.54 -3.98 2.82
N PRO A 57 14.95 -5.08 3.47
CA PRO A 57 15.20 -5.02 4.93
C PRO A 57 16.18 -3.94 5.37
N GLU A 58 17.28 -3.75 4.62
CA GLU A 58 18.26 -2.74 5.03
C GLU A 58 17.66 -1.34 4.91
N VAL A 59 16.79 -1.15 3.93
CA VAL A 59 16.16 0.17 3.75
C VAL A 59 15.18 0.43 4.89
N ALA A 60 14.40 -0.58 5.25
CA ALA A 60 13.46 -0.41 6.35
C ALA A 60 14.19 -0.10 7.64
N LYS A 61 15.32 -0.77 7.85
CA LYS A 61 16.13 -0.58 9.06
CA LYS A 61 16.12 -0.57 9.07
C LYS A 61 16.63 0.85 9.16
N GLN A 62 17.12 1.37 8.04
CA GLN A 62 17.69 2.71 8.05
C GLN A 62 16.62 3.78 8.11
N TRP A 63 15.49 3.53 7.46
CA TRP A 63 14.35 4.43 7.56
C TRP A 63 13.96 4.58 9.03
N GLU A 64 13.85 3.45 9.73
CA GLU A 64 13.45 3.48 11.13
C GLU A 64 14.45 4.23 12.00
N ARG A 65 15.75 4.01 11.74
CA ARG A 65 16.80 4.69 12.50
C ARG A 65 16.73 6.19 12.28
N LEU A 66 16.50 6.57 11.03
CA LEU A 66 16.37 7.98 10.66
C LEU A 66 15.17 8.65 11.33
N VAL A 67 14.00 8.00 11.32
CA VAL A 67 12.83 8.62 11.92
C VAL A 67 13.04 8.76 13.43
N ARG A 68 13.62 7.74 14.05
CA ARG A 68 13.86 7.82 15.49
C ARG A 68 14.92 8.87 15.84
N ALA A 69 15.97 8.97 15.02
CA ALA A 69 17.04 9.92 15.30
C ALA A 69 16.56 11.37 15.21
N THR A 70 15.60 11.62 14.32
CA THR A 70 15.11 12.97 14.10
C THR A 70 13.90 13.26 14.97
N GLY A 71 13.40 12.23 15.63
CA GLY A 71 12.25 12.40 16.50
C GLY A 71 11.00 12.75 15.72
N LEU A 72 10.90 12.23 14.51
CA LEU A 72 9.78 12.58 13.64
C LEU A 72 8.67 11.52 13.61
N GLU A 73 8.61 10.68 14.65
CA GLU A 73 7.66 9.55 14.67
C GLU A 73 6.21 10.00 14.53
N LYS A 74 5.90 11.18 15.05
CA LYS A 74 4.51 11.66 15.01
C LYS A 74 4.28 12.71 13.94
N ASP A 75 5.30 12.95 13.12
CA ASP A 75 5.29 14.07 12.19
C ASP A 75 5.34 13.67 10.72
N ILE A 76 5.98 12.54 10.42
CA ILE A 76 6.08 12.10 9.02
C ILE A 76 5.57 10.67 8.88
N ARG A 77 5.28 10.26 7.65
CA ARG A 77 4.77 8.92 7.40
C ARG A 77 5.31 8.42 6.09
N LEU A 78 5.46 7.10 5.99
CA LEU A 78 5.83 6.47 4.73
C LEU A 78 4.55 6.33 3.93
N VAL A 79 4.54 6.93 2.74
CA VAL A 79 3.35 6.90 1.87
C VAL A 79 3.38 5.71 0.94
N SER A 80 4.55 5.43 0.37
CA SER A 80 4.69 4.38 -0.64
CA SER A 80 4.67 4.33 -0.57
C SER A 80 6.05 3.73 -0.53
N GLY A 81 6.10 2.42 -0.81
CA GLY A 81 7.36 1.71 -0.80
C GLY A 81 7.46 0.77 -1.99
N TYR A 82 7.53 -0.53 -1.72
CA TYR A 82 7.61 -1.51 -2.78
C TYR A 82 6.31 -1.55 -3.56
N ARG A 83 6.43 -1.62 -4.89
CA ARG A 83 5.28 -1.68 -5.78
C ARG A 83 5.61 -2.71 -6.86
N THR A 84 4.74 -3.71 -7.06
CA THR A 84 4.99 -4.72 -8.10
C THR A 84 4.91 -4.07 -9.48
N GLU A 85 5.39 -4.75 -10.53
CA GLU A 85 5.36 -4.12 -11.85
C GLU A 85 3.92 -3.92 -12.30
N LYS A 86 3.05 -4.87 -11.99
CA LYS A 86 1.63 -4.75 -12.29
C LYS A 86 1.02 -3.52 -11.63
N GLU A 87 1.39 -3.29 -10.38
CA GLU A 87 0.86 -2.14 -9.66
C GLU A 87 1.37 -0.83 -10.27
N GLN A 88 2.61 -0.81 -10.72
CA GLN A 88 3.15 0.38 -11.35
C GLN A 88 2.38 0.70 -12.64
N ARG A 89 2.04 -0.35 -13.40
CA ARG A 89 1.24 -0.17 -14.61
CA ARG A 89 1.26 -0.14 -14.61
C ARG A 89 -0.12 0.42 -14.28
N ARG A 90 -0.77 -0.13 -13.25
CA ARG A 90 -2.08 0.35 -12.87
C ARG A 90 -2.03 1.78 -12.32
N LEU A 91 -0.96 2.10 -11.60
CA LEU A 91 -0.78 3.48 -11.09
C LEU A 91 -0.58 4.44 -12.26
N TRP A 92 0.23 4.02 -13.22
CA TRP A 92 0.47 4.82 -14.42
CA TRP A 92 0.46 4.83 -14.41
C TRP A 92 -0.84 5.03 -15.17
N GLU A 93 -1.57 3.94 -15.36
CA GLU A 93 -2.87 3.98 -16.06
C GLU A 93 -3.87 4.88 -15.35
N TYR A 94 -3.90 4.84 -14.03
CA TYR A 94 -4.78 5.69 -13.25
C TYR A 94 -4.44 7.15 -13.45
N SER A 95 -3.16 7.48 -13.36
CA SER A 95 -2.72 8.86 -13.50
C SER A 95 -3.01 9.40 -14.90
N LEU A 96 -2.87 8.55 -15.91
CA LEU A 96 -3.18 8.95 -17.30
C LEU A 96 -4.62 9.42 -17.37
N LYS A 97 -5.50 8.63 -16.78
CA LYS A 97 -6.94 8.88 -16.85
C LYS A 97 -7.31 10.14 -16.05
N GLU A 98 -6.72 10.28 -14.87
CA GLU A 98 -7.06 11.37 -13.97
C GLU A 98 -6.33 12.68 -14.24
N ASN A 99 -5.07 12.59 -14.67
CA ASN A 99 -4.22 13.77 -14.78
C ASN A 99 -3.73 14.08 -16.19
N GLY A 100 -3.95 13.15 -17.10
CA GLY A 100 -3.47 13.34 -18.46
C GLY A 100 -2.02 12.88 -18.63
N LEU A 101 -1.62 12.72 -19.89
CA LEU A 101 -0.32 12.16 -20.23
C LEU A 101 0.85 13.01 -19.76
N ALA A 102 0.78 14.32 -20.00
CA ALA A 102 1.94 15.16 -19.74
C ALA A 102 2.30 15.18 -18.25
N TYR A 103 1.28 15.32 -17.41
CA TYR A 103 1.50 15.33 -15.95
C TYR A 103 2.01 13.97 -15.48
N THR A 104 1.44 12.91 -16.03
CA THR A 104 1.82 11.55 -15.65
C THR A 104 3.30 11.31 -15.95
N LYS A 105 3.75 11.78 -17.11
CA LYS A 105 5.15 11.58 -17.49
C LYS A 105 6.09 12.38 -16.62
N GLN A 106 5.62 13.52 -16.11
CA GLN A 106 6.40 14.32 -15.20
C GLN A 106 6.67 13.64 -13.85
N PHE A 107 5.67 12.94 -13.31
CA PHE A 107 5.72 12.51 -11.91
C PHE A 107 5.69 11.01 -11.65
N VAL A 108 5.35 10.23 -12.68
CA VAL A 108 5.26 8.78 -12.50
C VAL A 108 6.24 8.11 -13.46
N ALA A 109 7.08 7.23 -12.93
CA ALA A 109 8.01 6.48 -13.76
C ALA A 109 7.26 5.47 -14.63
N LEU A 110 7.77 5.22 -15.82
CA LEU A 110 7.16 4.22 -16.69
C LEU A 110 7.23 2.86 -16.01
N PRO A 111 6.20 2.04 -16.21
CA PRO A 111 6.20 0.65 -15.74
C PRO A 111 7.46 -0.06 -16.18
N GLY A 112 8.16 -0.69 -15.23
CA GLY A 112 9.42 -1.35 -15.52
C GLY A 112 10.61 -0.44 -15.30
N CYS A 113 10.34 0.84 -15.05
CA CYS A 113 11.41 1.83 -14.91
C CYS A 113 11.40 2.53 -13.57
N SER A 114 10.62 2.02 -12.62
CA SER A 114 10.47 2.67 -11.31
C SER A 114 11.35 2.01 -10.26
N GLU A 115 12.11 2.79 -9.49
CA GLU A 115 12.86 2.20 -8.39
C GLU A 115 11.96 1.68 -7.27
N HIS A 116 10.69 2.05 -7.27
CA HIS A 116 9.78 1.44 -6.31
C HIS A 116 9.68 -0.07 -6.51
N GLN A 117 9.94 -0.54 -7.73
CA GLN A 117 9.81 -1.96 -8.06
CA GLN A 117 9.80 -1.96 -8.05
C GLN A 117 10.92 -2.80 -7.42
N ILE A 118 11.97 -2.14 -6.94
CA ILE A 118 13.03 -2.91 -6.30
C ILE A 118 13.08 -2.71 -4.78
N GLY A 119 12.14 -1.97 -4.23
CA GLY A 119 12.07 -1.82 -2.78
C GLY A 119 13.15 -0.95 -2.17
N LEU A 120 13.74 -0.08 -2.98
CA LEU A 120 14.78 0.84 -2.48
C LEU A 120 14.31 2.28 -2.47
N ALA A 121 13.04 2.53 -2.82
CA ALA A 121 12.56 3.91 -2.85
C ALA A 121 11.43 4.12 -1.85
N ILE A 122 11.38 5.30 -1.26
CA ILE A 122 10.26 5.66 -0.38
C ILE A 122 9.64 6.98 -0.80
N ASP A 123 8.32 7.05 -0.71
CA ASP A 123 7.62 8.34 -0.80
C ASP A 123 7.22 8.73 0.62
N VAL A 124 7.58 9.95 1.02
CA VAL A 124 7.38 10.38 2.40
C VAL A 124 6.41 11.55 2.43
N GLY A 125 5.55 11.56 3.44
CA GLY A 125 4.60 12.66 3.61
C GLY A 125 4.51 13.09 5.06
N LEU A 126 3.63 14.06 5.32
CA LEU A 126 3.44 14.54 6.67
C LEU A 126 2.29 13.78 7.33
N LYS A 127 2.33 13.64 8.64
CA LYS A 127 1.33 12.80 9.30
C LYS A 127 -0.05 13.44 9.47
N LYS A 128 -0.08 14.76 9.61
CA LYS A 128 -1.34 15.43 9.93
C LYS A 128 -2.10 15.91 8.70
N GLN A 129 -1.73 15.38 7.55
CA GLN A 129 -2.38 15.69 6.29
C GLN A 129 -3.57 14.77 6.07
N GLU A 130 -4.73 15.36 5.78
CA GLU A 130 -5.81 14.60 5.14
C GLU A 130 -5.89 15.04 3.69
N ASP A 131 -6.57 14.24 2.88
CA ASP A 131 -6.67 14.46 1.45
C ASP A 131 -5.32 14.77 0.80
N ASP A 132 -4.29 14.05 1.23
CA ASP A 132 -2.99 14.14 0.59
C ASP A 132 -3.06 13.49 -0.79
N ASP A 133 -2.20 13.92 -1.70
CA ASP A 133 -2.15 13.45 -3.08
C ASP A 133 -1.23 12.23 -3.13
N LEU A 134 -1.73 11.10 -3.65
CA LEU A 134 -0.91 9.89 -3.71
C LEU A 134 0.21 9.97 -4.75
N ILE A 135 0.00 10.77 -5.80
CA ILE A 135 1.02 10.97 -6.84
C ILE A 135 2.12 11.93 -6.38
N CYS A 136 1.71 13.04 -5.76
CA CYS A 136 2.64 14.06 -5.29
C CYS A 136 2.36 14.42 -3.82
N PRO A 137 2.73 13.54 -2.89
CA PRO A 137 2.54 13.82 -1.45
C PRO A 137 3.19 15.14 -1.05
N HIS A 138 2.50 15.89 -0.18
CA HIS A 138 3.03 17.16 0.29
C HIS A 138 4.25 16.96 1.19
N PHE A 139 5.40 17.53 0.82
CA PHE A 139 6.58 17.40 1.67
C PHE A 139 7.52 18.61 1.55
N ARG A 140 6.93 19.80 1.65
CA ARG A 140 7.70 21.04 1.68
C ARG A 140 7.10 21.98 2.70
N ASP A 141 7.85 23.03 3.05
CA ASP A 141 7.34 24.13 3.86
C ASP A 141 6.87 23.64 5.24
N SER A 142 7.71 22.80 5.84
CA SER A 142 7.38 22.16 7.10
C SER A 142 8.67 21.93 7.88
N ALA A 143 8.62 22.13 9.20
CA ALA A 143 9.79 21.93 10.03
C ALA A 143 10.23 20.48 9.94
N ALA A 144 9.27 19.57 9.85
CA ALA A 144 9.58 18.15 9.78
C ALA A 144 10.31 17.81 8.50
N ALA A 145 9.83 18.34 7.37
CA ALA A 145 10.52 18.10 6.11
C ALA A 145 11.93 18.71 6.12
N ASP A 146 12.07 19.91 6.65
CA ASP A 146 13.37 20.55 6.70
C ASP A 146 14.38 19.74 7.52
N LEU A 147 13.93 19.18 8.64
CA LEU A 147 14.82 18.39 9.48
C LEU A 147 15.17 17.08 8.78
N PHE A 148 14.17 16.45 8.17
CA PHE A 148 14.39 15.25 7.37
C PHE A 148 15.47 15.49 6.30
N MET A 149 15.41 16.64 5.63
CA MET A 149 16.38 16.98 4.57
C MET A 149 17.78 17.24 5.10
N GLN A 150 17.90 17.53 6.39
CA GLN A 150 19.22 17.73 7.00
C GLN A 150 19.89 16.42 7.42
N GLN A 151 19.09 15.36 7.59
CA GLN A 151 19.62 14.12 8.15
C GLN A 151 19.51 12.88 7.26
N MET A 152 18.68 12.89 6.24
CA MET A 152 18.42 11.62 5.53
C MET A 152 19.67 11.02 4.88
N MET A 153 20.58 11.87 4.41
CA MET A 153 21.82 11.41 3.81
C MET A 153 22.69 10.67 4.82
N ASN A 154 22.49 10.91 6.10
CA ASN A 154 23.30 10.21 7.12
C ASN A 154 22.80 8.79 7.40
N TYR A 155 21.69 8.43 6.75
CA TYR A 155 21.09 7.10 6.92
C TYR A 155 20.92 6.41 5.58
N GLY A 156 21.66 6.90 4.59
CA GLY A 156 21.73 6.22 3.32
C GLY A 156 20.78 6.64 2.22
N PHE A 157 20.05 7.74 2.43
CA PHE A 157 19.01 8.15 1.49
C PHE A 157 19.43 9.42 0.74
N ILE A 158 19.01 9.51 -0.52
CA ILE A 158 19.21 10.73 -1.30
C ILE A 158 17.87 11.25 -1.81
N LEU A 159 17.83 12.55 -2.10
CA LEU A 159 16.66 13.09 -2.79
C LEU A 159 16.79 12.75 -4.27
N ARG A 160 15.90 11.89 -4.76
CA ARG A 160 16.14 11.25 -6.05
C ARG A 160 16.01 12.20 -7.25
N TYR A 161 15.03 13.09 -7.17
CA TYR A 161 14.67 13.95 -8.29
C TYR A 161 14.68 15.41 -7.88
N PRO A 162 15.87 16.03 -7.82
CA PRO A 162 15.98 17.41 -7.34
C PRO A 162 15.50 18.40 -8.39
N GLU A 163 15.26 19.63 -7.96
CA GLU A 163 14.78 20.66 -8.86
C GLU A 163 15.96 21.00 -9.78
N ASP A 164 15.66 21.41 -11.00
CA ASP A 164 16.72 21.74 -11.97
C ASP A 164 17.65 20.56 -12.33
N LYS A 165 17.18 19.33 -12.13
CA LYS A 165 17.89 18.16 -12.66
C LYS A 165 16.99 17.37 -13.63
N GLN A 166 15.87 17.98 -14.04
CA GLN A 166 14.87 17.28 -14.86
C GLN A 166 15.44 16.76 -16.17
N GLU A 167 16.34 17.53 -16.77
CA GLU A 167 16.95 17.08 -18.01
C GLU A 167 17.85 15.86 -17.84
N ILE A 168 18.40 15.72 -16.63
CA ILE A 168 19.29 14.60 -16.35
C ILE A 168 18.51 13.35 -15.92
N THR A 169 17.51 13.53 -15.06
CA THR A 169 16.79 12.40 -14.52
C THR A 169 15.60 12.02 -15.38
N GLY A 170 15.11 13.00 -16.13
CA GLY A 170 13.93 12.79 -16.97
C GLY A 170 12.64 12.81 -16.20
N ILE A 171 12.71 13.21 -14.92
CA ILE A 171 11.56 13.28 -14.03
C ILE A 171 11.58 14.66 -13.38
N SER A 172 10.40 15.23 -13.14
CA SER A 172 10.29 16.53 -12.52
C SER A 172 10.67 16.48 -11.04
N TYR A 173 10.75 17.66 -10.44
CA TYR A 173 11.15 17.77 -9.04
C TYR A 173 10.13 17.07 -8.14
N GLU A 174 10.63 16.19 -7.28
CA GLU A 174 9.77 15.46 -6.33
C GLU A 174 10.36 15.55 -4.93
N PRO A 175 9.92 16.55 -4.15
CA PRO A 175 10.49 16.71 -2.80
C PRO A 175 10.16 15.55 -1.85
N TRP A 176 9.22 14.69 -2.21
CA TRP A 176 8.78 13.61 -1.33
C TRP A 176 9.49 12.28 -1.58
N HIS A 177 10.25 12.17 -2.68
CA HIS A 177 10.76 10.87 -3.13
C HIS A 177 12.23 10.66 -2.80
N PHE A 178 12.51 9.64 -1.97
CA PHE A 178 13.87 9.37 -1.52
C PHE A 178 14.30 7.99 -1.97
N ARG A 179 15.55 7.89 -2.38
CA ARG A 179 16.16 6.63 -2.83
C ARG A 179 17.24 6.18 -1.86
N TYR A 180 17.20 4.90 -1.48
CA TYR A 180 18.25 4.35 -0.63
C TYR A 180 19.45 3.91 -1.47
N VAL A 181 20.63 4.46 -1.17
CA VAL A 181 21.86 4.00 -1.82
C VAL A 181 22.89 3.53 -0.81
N GLY A 182 22.63 3.81 0.48
CA GLY A 182 23.56 3.43 1.53
C GLY A 182 24.70 4.41 1.70
N LEU A 183 25.51 4.19 2.74
CA LEU A 183 26.65 5.06 3.04
C LEU A 183 27.92 4.45 2.44
N PRO A 184 28.90 5.31 2.08
CA PRO A 184 28.88 6.77 2.17
C PRO A 184 28.24 7.44 0.97
N HIS A 185 27.68 6.65 0.06
CA HIS A 185 27.22 7.16 -1.23
C HIS A 185 26.20 8.29 -1.05
N SER A 186 25.29 8.11 -0.11
CA SER A 186 24.27 9.14 0.07
C SER A 186 24.86 10.47 0.53
N GLN A 187 25.91 10.41 1.35
CA GLN A 187 26.58 11.63 1.81
C GLN A 187 27.36 12.25 0.67
N VAL A 188 28.02 11.43 -0.14
CA VAL A 188 28.79 11.96 -1.26
C VAL A 188 27.88 12.64 -2.29
N ILE A 189 26.80 11.95 -2.66
CA ILE A 189 25.84 12.46 -3.63
C ILE A 189 25.21 13.75 -3.13
N THR A 190 24.80 13.76 -1.87
CA THR A 190 24.05 14.90 -1.36
C THR A 190 24.92 16.15 -1.25
N ALA A 191 26.15 15.98 -0.81
CA ALA A 191 27.06 17.11 -0.66
C ALA A 191 27.41 17.76 -2.00
N GLN A 192 27.45 16.96 -3.06
CA GLN A 192 27.77 17.46 -4.40
CA GLN A 192 27.77 17.46 -4.38
C GLN A 192 26.54 17.94 -5.14
N LYS A 193 25.37 17.77 -4.52
CA LYS A 193 24.09 18.09 -5.14
C LYS A 193 23.90 17.32 -6.43
N TRP A 194 24.30 16.05 -6.42
CA TRP A 194 24.24 15.18 -7.59
C TRP A 194 22.95 14.37 -7.65
N THR A 195 22.67 13.84 -8.82
CA THR A 195 21.66 12.81 -9.03
C THR A 195 22.39 11.47 -9.08
N LEU A 196 21.64 10.38 -8.96
CA LEU A 196 22.24 9.05 -9.09
C LEU A 196 22.86 8.85 -10.49
N GLU A 197 22.21 9.43 -11.50
CA GLU A 197 22.76 9.44 -12.86
C GLU A 197 24.16 10.05 -12.88
N GLU A 198 24.31 11.23 -12.27
CA GLU A 198 25.61 11.89 -12.24
C GLU A 198 26.61 11.13 -11.40
N TYR A 199 26.14 10.45 -10.36
CA TYR A 199 27.02 9.65 -9.51
C TYR A 199 27.59 8.51 -10.34
N HIS A 200 26.75 7.89 -11.15
CA HIS A 200 27.22 6.80 -11.99
C HIS A 200 28.25 7.28 -13.02
N ASP A 201 28.01 8.45 -13.61
CA ASP A 201 28.98 9.00 -14.57
C ASP A 201 30.31 9.29 -13.90
N TYR A 202 30.24 9.78 -12.66
CA TYR A 202 31.45 10.10 -11.90
C TYR A 202 32.26 8.86 -11.57
N LEU A 203 31.57 7.80 -11.12
CA LEU A 203 32.25 6.56 -10.79
C LEU A 203 32.91 5.97 -12.04
N ALA A 204 32.20 6.00 -13.17
CA ALA A 204 32.74 5.50 -14.43
C ALA A 204 33.98 6.30 -14.88
N GLN A 205 33.87 7.63 -14.83
CA GLN A 205 34.98 8.49 -15.24
CA GLN A 205 34.99 8.46 -15.26
C GLN A 205 36.18 8.32 -14.32
N THR A 206 35.91 8.06 -13.04
CA THR A 206 36.97 7.92 -12.07
C THR A 206 37.71 6.59 -12.23
N VAL A 207 36.95 5.52 -12.47
CA VAL A 207 37.54 4.22 -12.77
C VAL A 207 38.52 4.29 -13.95
N ARG A 208 38.20 5.13 -14.94
CA ARG A 208 39.07 5.28 -16.11
C ARG A 208 40.42 5.92 -15.79
N GLN A 209 40.48 6.74 -14.74
CA GLN A 209 41.73 7.37 -14.34
C GLN A 209 42.78 6.35 -13.87
N PHE A 210 42.33 5.13 -13.62
CA PHE A 210 43.22 4.06 -13.15
C PHE A 210 43.55 3.07 -14.28
N MET B 22 -13.83 -14.92 -12.04
CA MET B 22 -13.96 -14.19 -10.78
C MET B 22 -15.28 -14.52 -10.08
N ASN B 23 -15.23 -15.42 -9.11
CA ASN B 23 -16.40 -15.64 -8.25
C ASN B 23 -16.33 -14.71 -7.06
N THR B 24 -17.25 -13.75 -7.02
CA THR B 24 -17.34 -12.77 -5.96
C THR B 24 -17.69 -13.39 -4.61
N LEU B 25 -18.13 -14.66 -4.63
CA LEU B 25 -18.54 -15.32 -3.40
C LEU B 25 -17.47 -16.26 -2.83
N GLN B 26 -16.30 -16.32 -3.45
CA GLN B 26 -15.29 -17.29 -3.05
C GLN B 26 -15.00 -17.20 -1.56
N LEU B 27 -15.09 -18.33 -0.87
CA LEU B 27 -14.81 -18.35 0.57
C LEU B 27 -13.33 -18.61 0.80
N ILE B 28 -12.66 -17.65 1.43
CA ILE B 28 -11.24 -17.76 1.76
C ILE B 28 -11.04 -17.57 3.25
N ASN B 29 -10.55 -18.62 3.92
CA ASN B 29 -10.22 -18.53 5.33
C ASN B 29 -9.23 -19.63 5.68
N LYS B 30 -8.94 -19.82 6.98
CA LYS B 30 -7.92 -20.80 7.36
C LYS B 30 -8.23 -22.21 6.85
N ASN B 31 -9.52 -22.55 6.82
CA ASN B 31 -9.96 -23.86 6.32
C ASN B 31 -10.10 -23.93 4.81
N HIS B 32 -10.07 -22.78 4.15
CA HIS B 32 -10.21 -22.72 2.70
C HIS B 32 -9.17 -21.79 2.13
N PRO B 33 -7.90 -22.23 2.10
CA PRO B 33 -6.84 -21.36 1.59
C PRO B 33 -6.98 -21.20 0.10
N LEU B 34 -6.36 -20.16 -0.43
CA LEU B 34 -6.31 -20.00 -1.87
C LEU B 34 -5.42 -21.09 -2.46
N LYS B 35 -5.74 -21.51 -3.69
CA LYS B 35 -4.88 -22.44 -4.41
C LYS B 35 -3.68 -21.70 -4.99
N LYS B 36 -2.54 -22.38 -5.06
CA LYS B 36 -1.30 -21.76 -5.56
C LYS B 36 -1.43 -21.37 -7.04
N ASN B 37 -2.25 -22.11 -7.77
CA ASN B 37 -2.41 -21.91 -9.20
C ASN B 37 -3.53 -20.94 -9.54
N GLN B 38 -4.11 -20.30 -8.51
CA GLN B 38 -5.17 -19.35 -8.76
C GLN B 38 -4.64 -18.06 -9.40
N GLU B 39 -5.29 -17.68 -10.50
CA GLU B 39 -4.91 -16.53 -11.29
C GLU B 39 -5.07 -15.24 -10.48
N PRO B 40 -4.02 -14.40 -10.47
CA PRO B 40 -4.14 -13.11 -9.79
C PRO B 40 -5.32 -12.33 -10.32
N PRO B 41 -6.00 -11.58 -9.45
CA PRO B 41 -7.13 -10.79 -9.93
C PRO B 41 -6.64 -9.68 -10.85
N HIS B 42 -7.48 -9.24 -11.78
CA HIS B 42 -7.19 -8.01 -12.48
C HIS B 42 -7.31 -6.91 -11.44
N LEU B 43 -6.56 -5.83 -11.62
CA LEU B 43 -6.53 -4.78 -10.61
C LEU B 43 -6.64 -3.40 -11.24
N VAL B 44 -7.14 -2.46 -10.46
CA VAL B 44 -7.10 -1.05 -10.80
CA VAL B 44 -7.15 -1.05 -10.81
C VAL B 44 -6.77 -0.28 -9.54
N LEU B 45 -6.20 0.90 -9.70
CA LEU B 45 -5.91 1.73 -8.54
C LEU B 45 -7.24 2.30 -8.09
N ALA B 46 -7.51 2.22 -6.78
CA ALA B 46 -8.78 2.64 -6.22
C ALA B 46 -8.71 4.09 -5.76
N PRO B 47 -9.79 4.85 -5.97
CA PRO B 47 -9.84 6.25 -5.55
C PRO B 47 -10.11 6.38 -4.05
N PHE B 48 -10.02 7.61 -3.53
CA PHE B 48 -10.37 7.91 -2.14
C PHE B 48 -9.40 7.33 -1.10
N SER B 49 -8.10 7.40 -1.43
CA SER B 49 -7.05 7.07 -0.48
CA SER B 49 -7.05 7.07 -0.48
C SER B 49 -5.92 8.08 -0.65
N ASP B 50 -5.06 8.19 0.36
CA ASP B 50 -3.90 9.07 0.23
C ASP B 50 -2.64 8.29 -0.17
N HIS B 51 -2.83 7.03 -0.52
CA HIS B 51 -1.72 6.24 -1.02
C HIS B 51 -2.25 5.28 -2.07
N ASP B 52 -1.34 4.57 -2.73
CA ASP B 52 -1.76 3.68 -3.80
C ASP B 52 -2.35 2.37 -3.25
N VAL B 53 -3.63 2.17 -3.51
CA VAL B 53 -4.34 0.96 -3.11
C VAL B 53 -5.00 0.36 -4.35
N TYR B 54 -4.90 -0.96 -4.51
CA TYR B 54 -5.40 -1.61 -5.72
C TYR B 54 -6.52 -2.59 -5.38
N LEU B 55 -7.52 -2.67 -6.24
CA LEU B 55 -8.65 -3.58 -6.00
C LEU B 55 -9.10 -4.16 -7.33
N GLN B 56 -9.87 -5.24 -7.30
CA GLN B 56 -10.50 -5.74 -8.51
CA GLN B 56 -10.50 -5.75 -8.50
C GLN B 56 -11.39 -4.62 -9.05
N PRO B 57 -11.45 -4.48 -10.39
CA PRO B 57 -12.12 -3.30 -10.96
C PRO B 57 -13.58 -3.10 -10.53
N GLU B 58 -14.36 -4.17 -10.41
CA GLU B 58 -15.76 -4.04 -10.01
C GLU B 58 -15.83 -3.55 -8.57
N VAL B 59 -14.85 -3.97 -7.76
CA VAL B 59 -14.82 -3.57 -6.36
C VAL B 59 -14.51 -2.09 -6.24
N ALA B 60 -13.55 -1.62 -7.02
CA ALA B 60 -13.16 -0.23 -6.96
C ALA B 60 -14.31 0.65 -7.40
N LYS B 61 -15.03 0.20 -8.42
CA LYS B 61 -16.15 0.96 -8.96
C LYS B 61 -17.24 1.14 -7.90
N GLN B 62 -17.54 0.06 -7.18
CA GLN B 62 -18.63 0.10 -6.22
C GLN B 62 -18.22 0.86 -4.97
N TRP B 63 -16.93 0.74 -4.61
CA TRP B 63 -16.38 1.54 -3.52
C TRP B 63 -16.56 3.01 -3.84
N GLU B 64 -16.18 3.40 -5.06
CA GLU B 64 -16.30 4.79 -5.47
C GLU B 64 -17.74 5.25 -5.47
N ARG B 65 -18.64 4.40 -5.98
CA ARG B 65 -20.06 4.74 -5.97
C ARG B 65 -20.57 4.93 -4.56
N LEU B 66 -20.16 4.05 -3.66
CA LEU B 66 -20.59 4.10 -2.25
C LEU B 66 -20.14 5.38 -1.57
N VAL B 67 -18.86 5.73 -1.73
CA VAL B 67 -18.33 6.93 -1.08
C VAL B 67 -19.03 8.17 -1.60
N ARG B 68 -19.21 8.25 -2.92
CA ARG B 68 -19.92 9.40 -3.51
C ARG B 68 -21.36 9.50 -3.05
N ALA B 69 -22.06 8.37 -3.00
CA ALA B 69 -23.47 8.40 -2.65
C ALA B 69 -23.71 8.78 -1.20
N THR B 70 -22.76 8.44 -0.32
CA THR B 70 -22.93 8.74 1.10
C THR B 70 -22.35 10.10 1.47
N GLY B 71 -21.65 10.72 0.51
CA GLY B 71 -21.00 11.99 0.75
C GLY B 71 -19.89 11.92 1.79
N LEU B 72 -19.24 10.76 1.87
CA LEU B 72 -18.24 10.50 2.92
C LEU B 72 -16.80 10.78 2.49
N GLU B 73 -16.63 11.43 1.33
CA GLU B 73 -15.29 11.71 0.79
C GLU B 73 -14.33 12.33 1.80
N LYS B 74 -14.83 13.23 2.64
CA LYS B 74 -13.96 13.97 3.56
C LYS B 74 -13.78 13.27 4.91
N ASP B 75 -14.47 12.15 5.10
CA ASP B 75 -14.58 11.56 6.44
C ASP B 75 -13.96 10.19 6.55
N ILE B 76 -13.88 9.49 5.42
CA ILE B 76 -13.32 8.14 5.44
C ILE B 76 -12.26 7.99 4.37
N ARG B 77 -11.47 6.92 4.48
CA ARG B 77 -10.45 6.68 3.49
C ARG B 77 -10.16 5.20 3.38
N LEU B 78 -9.66 4.83 2.21
CA LEU B 78 -9.29 3.44 1.96
C LEU B 78 -7.87 3.22 2.49
N VAL B 79 -7.73 2.25 3.40
CA VAL B 79 -6.44 1.98 4.04
C VAL B 79 -5.67 0.86 3.36
N SER B 80 -6.36 -0.24 3.04
CA SER B 80 -5.69 -1.40 2.45
CA SER B 80 -5.69 -1.38 2.44
C SER B 80 -6.60 -2.08 1.44
N GLY B 81 -5.98 -2.73 0.45
CA GLY B 81 -6.71 -3.44 -0.59
C GLY B 81 -6.01 -4.74 -0.92
N TYR B 82 -5.66 -4.91 -2.19
CA TYR B 82 -4.92 -6.08 -2.64
C TYR B 82 -3.56 -6.19 -1.98
N ARG B 83 -3.19 -7.41 -1.62
CA ARG B 83 -1.91 -7.67 -1.01
C ARG B 83 -1.49 -9.05 -1.50
N THR B 84 -0.28 -9.20 -2.00
CA THR B 84 0.19 -10.52 -2.45
C THR B 84 0.39 -11.47 -1.28
N GLU B 85 0.54 -12.76 -1.56
CA GLU B 85 0.85 -13.73 -0.50
C GLU B 85 2.16 -13.37 0.19
N LYS B 86 3.13 -12.95 -0.60
CA LYS B 86 4.45 -12.58 -0.06
C LYS B 86 4.28 -11.44 0.94
N GLU B 87 3.51 -10.44 0.52
CA GLU B 87 3.23 -9.31 1.40
C GLU B 87 2.44 -9.72 2.64
N GLN B 88 1.43 -10.57 2.46
CA GLN B 88 0.67 -11.05 3.61
C GLN B 88 1.61 -11.73 4.61
N ARG B 89 2.58 -12.49 4.10
CA ARG B 89 3.55 -13.14 4.97
C ARG B 89 4.45 -12.14 5.68
N ARG B 90 4.87 -11.07 4.99
CA ARG B 90 5.65 -10.05 5.69
C ARG B 90 4.82 -9.34 6.75
N LEU B 91 3.54 -9.10 6.48
CA LEU B 91 2.64 -8.51 7.48
C LEU B 91 2.45 -9.43 8.70
N TRP B 92 2.25 -10.73 8.46
CA TRP B 92 2.11 -11.71 9.51
C TRP B 92 3.38 -11.77 10.35
N GLU B 93 4.52 -11.87 9.67
CA GLU B 93 5.80 -11.94 10.38
C GLU B 93 6.09 -10.70 11.22
N TYR B 94 5.76 -9.53 10.69
CA TYR B 94 5.97 -8.29 11.43
C TYR B 94 5.07 -8.25 12.67
N SER B 95 3.79 -8.54 12.49
CA SER B 95 2.89 -8.52 13.64
C SER B 95 3.30 -9.57 14.69
N LEU B 96 3.75 -10.73 14.23
CA LEU B 96 4.20 -11.77 15.17
C LEU B 96 5.33 -11.27 16.04
N LYS B 97 6.29 -10.61 15.40
CA LYS B 97 7.49 -10.16 16.07
C LYS B 97 7.20 -8.99 17.02
N GLU B 98 6.36 -8.07 16.57
CA GLU B 98 6.07 -6.85 17.31
CA GLU B 98 6.08 -6.84 17.30
C GLU B 98 4.95 -6.98 18.32
N ASN B 99 3.88 -7.68 17.94
CA ASN B 99 2.68 -7.75 18.77
C ASN B 99 2.40 -9.11 19.39
N GLY B 100 3.18 -10.10 18.99
CA GLY B 100 2.98 -11.45 19.51
C GLY B 100 1.94 -12.28 18.78
N LEU B 101 1.93 -13.57 19.06
CA LEU B 101 1.04 -14.48 18.34
C LEU B 101 -0.44 -14.23 18.61
N ALA B 102 -0.79 -13.92 19.86
CA ALA B 102 -2.20 -13.81 20.22
C ALA B 102 -2.93 -12.74 19.40
N TYR B 103 -2.35 -11.55 19.37
CA TYR B 103 -2.87 -10.42 18.62
C TYR B 103 -2.83 -10.72 17.13
N THR B 104 -1.74 -11.33 16.68
CA THR B 104 -1.57 -11.60 15.25
C THR B 104 -2.61 -12.61 14.75
N LYS B 105 -2.83 -13.69 15.52
CA LYS B 105 -3.87 -14.65 15.15
C LYS B 105 -5.24 -14.01 15.13
N GLN B 106 -5.46 -13.04 16.01
CA GLN B 106 -6.77 -12.35 16.08
C GLN B 106 -7.10 -11.52 14.84
N PHE B 107 -6.10 -10.80 14.31
CA PHE B 107 -6.38 -9.73 13.36
C PHE B 107 -5.70 -9.86 12.00
N VAL B 108 -4.76 -10.80 11.89
CA VAL B 108 -4.05 -10.99 10.62
C VAL B 108 -4.30 -12.39 10.09
N ALA B 109 -4.84 -12.48 8.88
CA ALA B 109 -5.06 -13.78 8.25
C ALA B 109 -3.72 -14.42 7.92
N LEU B 110 -3.69 -15.75 7.98
CA LEU B 110 -2.51 -16.50 7.56
C LEU B 110 -2.25 -16.26 6.09
N PRO B 111 -0.98 -16.20 5.70
CA PRO B 111 -0.68 -16.06 4.27
C PRO B 111 -1.31 -17.20 3.50
N GLY B 112 -1.99 -16.84 2.42
CA GLY B 112 -2.70 -17.80 1.59
C GLY B 112 -4.16 -17.89 1.99
N CYS B 113 -4.52 -17.30 3.13
CA CYS B 113 -5.87 -17.40 3.68
C CYS B 113 -6.53 -16.03 3.83
N SER B 114 -5.96 -15.00 3.20
CA SER B 114 -6.51 -13.65 3.29
C SER B 114 -7.30 -13.31 2.04
N GLU B 115 -8.50 -12.75 2.20
CA GLU B 115 -9.24 -12.33 1.03
C GLU B 115 -8.62 -11.08 0.42
N HIS B 116 -7.70 -10.44 1.13
CA HIS B 116 -6.97 -9.34 0.53
C HIS B 116 -6.19 -9.81 -0.69
N GLN B 117 -5.84 -11.10 -0.73
CA GLN B 117 -5.05 -11.64 -1.83
CA GLN B 117 -5.05 -11.66 -1.82
C GLN B 117 -5.83 -11.77 -3.14
N ILE B 118 -7.15 -11.67 -3.07
CA ILE B 118 -7.94 -11.74 -4.30
C ILE B 118 -8.51 -10.38 -4.70
N GLY B 119 -8.16 -9.34 -3.93
CA GLY B 119 -8.56 -8.01 -4.32
C GLY B 119 -10.00 -7.67 -4.07
N LEU B 120 -10.66 -8.46 -3.22
CA LEU B 120 -12.08 -8.26 -2.94
C LEU B 120 -12.33 -7.67 -1.55
N ALA B 121 -11.26 -7.36 -0.81
CA ALA B 121 -11.42 -6.86 0.55
C ALA B 121 -10.87 -5.45 0.67
N ILE B 122 -11.55 -4.61 1.44
CA ILE B 122 -11.06 -3.27 1.73
C ILE B 122 -10.95 -3.08 3.24
N ASP B 123 -9.91 -2.39 3.69
CA ASP B 123 -9.87 -1.93 5.08
C ASP B 123 -10.11 -0.44 5.00
N VAL B 124 -11.05 0.05 5.81
CA VAL B 124 -11.48 1.45 5.74
C VAL B 124 -11.20 2.12 7.07
N GLY B 125 -10.78 3.39 7.03
CA GLY B 125 -10.44 4.09 8.26
C GLY B 125 -11.04 5.47 8.29
N LEU B 126 -11.01 6.11 9.46
CA LEU B 126 -11.50 7.48 9.59
C LEU B 126 -10.39 8.49 9.30
N LYS B 127 -10.76 9.63 8.73
CA LYS B 127 -9.80 10.60 8.21
C LYS B 127 -9.22 11.57 9.23
N LYS B 128 -10.10 12.16 10.04
CA LYS B 128 -9.68 13.06 11.10
C LYS B 128 -9.11 12.24 12.24
N GLN B 129 -9.42 10.95 12.23
CA GLN B 129 -8.77 10.00 13.14
C GLN B 129 -7.27 10.00 12.87
N GLU B 130 -6.49 9.99 13.95
CA GLU B 130 -5.03 9.88 13.83
C GLU B 130 -4.54 9.10 15.04
N ASP B 131 -3.24 8.78 15.06
CA ASP B 131 -2.72 7.70 15.89
C ASP B 131 -3.61 6.49 15.61
N ASP B 132 -3.33 5.81 14.52
CA ASP B 132 -4.09 4.63 14.18
C ASP B 132 -3.28 3.41 14.56
N ASP B 133 -3.98 2.30 14.79
CA ASP B 133 -3.32 1.01 14.85
C ASP B 133 -3.06 0.63 13.40
N LEU B 134 -1.88 0.07 13.14
CA LEU B 134 -1.48 -0.27 11.77
C LEU B 134 -2.32 -1.41 11.19
N ILE B 135 -2.65 -2.37 12.04
CA ILE B 135 -3.33 -3.60 11.63
C ILE B 135 -4.84 -3.46 11.80
N CYS B 136 -5.22 -2.62 12.75
CA CYS B 136 -6.61 -2.39 13.07
C CYS B 136 -6.92 -0.91 12.94
N PRO B 137 -7.11 -0.43 11.70
CA PRO B 137 -7.46 0.98 11.55
C PRO B 137 -8.76 1.31 12.26
N HIS B 138 -8.87 2.54 12.75
CA HIS B 138 -10.03 2.95 13.52
C HIS B 138 -11.25 3.17 12.63
N PHE B 139 -12.34 2.48 12.92
CA PHE B 139 -13.58 2.70 12.18
C PHE B 139 -14.77 2.45 13.08
N ARG B 140 -14.82 3.21 14.17
CA ARG B 140 -15.75 2.95 15.26
C ARG B 140 -16.09 4.28 15.92
N ASP B 141 -17.17 4.30 16.71
CA ASP B 141 -17.55 5.48 17.49
C ASP B 141 -17.57 6.75 16.64
N SER B 142 -18.38 6.72 15.57
CA SER B 142 -18.28 7.75 14.53
C SER B 142 -19.54 7.80 13.68
N ALA B 143 -20.04 9.01 13.43
CA ALA B 143 -21.22 9.21 12.60
C ALA B 143 -20.96 8.79 11.15
N ALA B 144 -19.73 9.00 10.70
CA ALA B 144 -19.36 8.61 9.34
C ALA B 144 -19.40 7.09 9.19
N ALA B 145 -18.85 6.39 10.18
CA ALA B 145 -18.87 4.94 10.18
C ALA B 145 -20.30 4.42 10.21
N ASP B 146 -21.13 5.05 11.03
CA ASP B 146 -22.53 4.65 11.13
C ASP B 146 -23.26 4.78 9.79
N LEU B 147 -23.02 5.88 9.08
CA LEU B 147 -23.63 6.08 7.76
C LEU B 147 -23.12 5.03 6.76
N PHE B 148 -21.81 4.79 6.79
CA PHE B 148 -21.20 3.78 5.95
C PHE B 148 -21.85 2.41 6.19
N MET B 149 -22.04 2.07 7.46
CA MET B 149 -22.67 0.78 7.81
C MET B 149 -24.13 0.68 7.41
N GLN B 150 -24.75 1.80 7.09
CA GLN B 150 -26.15 1.79 6.67
C GLN B 150 -26.28 1.61 5.16
N GLN B 151 -25.20 1.82 4.43
CA GLN B 151 -25.30 1.84 2.97
C GLN B 151 -24.39 0.86 2.26
N MET B 152 -23.35 0.36 2.93
CA MET B 152 -22.33 -0.41 2.21
C MET B 152 -22.92 -1.68 1.56
N MET B 153 -23.94 -2.26 2.19
CA MET B 153 -24.55 -3.46 1.64
C MET B 153 -25.29 -3.17 0.33
N ASN B 154 -25.64 -1.90 0.11
CA ASN B 154 -26.34 -1.53 -1.10
C ASN B 154 -25.40 -1.40 -2.28
N TYR B 155 -24.09 -1.57 -2.02
CA TYR B 155 -23.08 -1.47 -3.07
C TYR B 155 -22.22 -2.72 -3.14
N GLY B 156 -22.72 -3.80 -2.53
CA GLY B 156 -22.09 -5.10 -2.65
C GLY B 156 -21.14 -5.50 -1.54
N PHE B 157 -21.07 -4.71 -0.46
CA PHE B 157 -20.11 -4.98 0.61
C PHE B 157 -20.76 -5.57 1.86
N ILE B 158 -20.06 -6.48 2.53
CA ILE B 158 -20.51 -6.96 3.84
C ILE B 158 -19.44 -6.69 4.88
N LEU B 159 -19.85 -6.59 6.16
CA LEU B 159 -18.86 -6.53 7.23
C LEU B 159 -18.36 -7.95 7.43
N ARG B 160 -17.09 -8.19 7.12
CA ARG B 160 -16.59 -9.57 7.00
C ARG B 160 -16.52 -10.33 8.33
N TYR B 161 -16.12 -9.63 9.39
CA TYR B 161 -15.84 -10.26 10.67
C TYR B 161 -16.60 -9.56 11.79
N PRO B 162 -17.90 -9.89 11.94
CA PRO B 162 -18.79 -9.26 12.92
C PRO B 162 -18.44 -9.66 14.36
N GLU B 163 -18.91 -8.87 15.32
CA GLU B 163 -18.47 -8.99 16.71
C GLU B 163 -18.66 -10.36 17.37
N ASP B 164 -19.79 -11.00 17.16
CA ASP B 164 -20.00 -12.25 17.88
C ASP B 164 -19.98 -13.49 16.99
N LYS B 165 -19.01 -13.51 16.06
CA LYS B 165 -18.92 -14.58 15.08
C LYS B 165 -17.52 -15.18 15.00
N GLN B 166 -16.69 -14.88 15.99
CA GLN B 166 -15.28 -15.26 15.93
C GLN B 166 -15.07 -16.78 15.89
N GLU B 167 -16.01 -17.53 16.48
CA GLU B 167 -15.96 -18.99 16.40
C GLU B 167 -16.25 -19.51 15.00
N ILE B 168 -17.07 -18.77 14.26
CA ILE B 168 -17.41 -19.15 12.89
C ILE B 168 -16.34 -18.68 11.89
N THR B 169 -15.88 -17.44 12.02
CA THR B 169 -14.90 -16.89 11.09
C THR B 169 -13.45 -17.23 11.44
N GLY B 170 -13.19 -17.50 12.70
CA GLY B 170 -11.83 -17.74 13.16
C GLY B 170 -11.01 -16.46 13.22
N ILE B 171 -11.70 -15.32 13.14
CA ILE B 171 -11.05 -14.01 13.19
C ILE B 171 -11.83 -13.11 14.15
N SER B 172 -11.14 -12.26 14.91
CA SER B 172 -11.81 -11.37 15.85
C SER B 172 -12.62 -10.28 15.16
N TYR B 173 -13.43 -9.57 15.94
CA TYR B 173 -14.22 -8.43 15.46
C TYR B 173 -13.35 -7.40 14.75
N GLU B 174 -13.68 -7.11 13.49
CA GLU B 174 -12.93 -6.11 12.73
C GLU B 174 -13.88 -5.11 12.10
N PRO B 175 -14.19 -4.01 12.81
CA PRO B 175 -15.19 -3.11 12.23
C PRO B 175 -14.71 -2.36 10.97
N TRP B 176 -13.43 -2.46 10.63
CA TRP B 176 -12.86 -1.74 9.50
C TRP B 176 -12.79 -2.55 8.22
N HIS B 177 -13.09 -3.85 8.31
CA HIS B 177 -12.79 -4.76 7.19
C HIS B 177 -14.06 -5.16 6.46
N PHE B 178 -14.11 -4.83 5.18
CA PHE B 178 -15.31 -5.12 4.38
C PHE B 178 -14.96 -5.98 3.18
N ARG B 179 -15.85 -6.91 2.86
CA ARG B 179 -15.62 -7.85 1.77
C ARG B 179 -16.67 -7.57 0.70
N TYR B 180 -16.22 -7.49 -0.56
CA TYR B 180 -17.15 -7.36 -1.68
C TYR B 180 -17.65 -8.74 -2.11
N VAL B 181 -18.98 -8.90 -2.10
CA VAL B 181 -19.62 -10.10 -2.64
C VAL B 181 -20.60 -9.78 -3.78
N GLY B 182 -20.94 -8.51 -3.95
CA GLY B 182 -21.91 -8.12 -4.96
C GLY B 182 -23.35 -8.20 -4.49
N LEU B 183 -24.26 -7.66 -5.30
CA LEU B 183 -25.68 -7.71 -5.03
C LEU B 183 -26.29 -8.94 -5.71
N PRO B 184 -27.36 -9.50 -5.13
CA PRO B 184 -28.03 -9.08 -3.89
C PRO B 184 -27.40 -9.73 -2.67
N HIS B 185 -26.30 -10.46 -2.87
CA HIS B 185 -25.68 -11.19 -1.78
C HIS B 185 -25.40 -10.34 -0.56
N SER B 186 -24.86 -9.13 -0.77
CA SER B 186 -24.50 -8.32 0.37
C SER B 186 -25.72 -7.90 1.17
N GLN B 187 -26.85 -7.66 0.48
CA GLN B 187 -28.08 -7.30 1.16
C GLN B 187 -28.66 -8.50 1.91
N VAL B 188 -28.63 -9.67 1.29
CA VAL B 188 -29.12 -10.89 1.94
C VAL B 188 -28.30 -11.19 3.20
N ILE B 189 -26.98 -11.19 3.06
CA ILE B 189 -26.09 -11.48 4.17
C ILE B 189 -26.24 -10.47 5.31
N THR B 190 -26.26 -9.19 4.96
CA THR B 190 -26.36 -8.15 5.98
C THR B 190 -27.71 -8.20 6.72
N ALA B 191 -28.80 -8.41 5.99
CA ALA B 191 -30.11 -8.42 6.62
C ALA B 191 -30.26 -9.59 7.59
N GLN B 192 -29.58 -10.69 7.32
CA GLN B 192 -29.67 -11.85 8.20
CA GLN B 192 -29.66 -11.87 8.18
C GLN B 192 -28.60 -11.85 9.28
N LYS B 193 -27.73 -10.84 9.24
CA LYS B 193 -26.60 -10.75 10.16
C LYS B 193 -25.68 -11.97 10.04
N TRP B 194 -25.51 -12.44 8.81
CA TRP B 194 -24.70 -13.63 8.56
C TRP B 194 -23.23 -13.26 8.31
N THR B 195 -22.37 -14.27 8.41
CA THR B 195 -21.02 -14.22 7.88
C THR B 195 -21.03 -14.89 6.51
N LEU B 196 -19.96 -14.70 5.75
CA LEU B 196 -19.83 -15.39 4.48
C LEU B 196 -19.83 -16.92 4.68
N GLU B 197 -19.20 -17.39 5.75
CA GLU B 197 -19.28 -18.83 6.10
C GLU B 197 -20.72 -19.29 6.24
N GLU B 198 -21.56 -18.51 6.92
CA GLU B 198 -22.95 -18.91 7.12
C GLU B 198 -23.74 -18.85 5.84
N TYR B 199 -23.37 -17.91 4.97
CA TYR B 199 -24.02 -17.77 3.68
C TYR B 199 -23.76 -19.02 2.84
N HIS B 200 -22.52 -19.48 2.85
CA HIS B 200 -22.19 -20.72 2.14
C HIS B 200 -22.94 -21.92 2.69
N ASP B 201 -23.07 -22.00 4.02
CA ASP B 201 -23.81 -23.09 4.65
C ASP B 201 -25.26 -23.04 4.19
N TYR B 202 -25.83 -21.84 4.16
CA TYR B 202 -27.21 -21.65 3.75
C TYR B 202 -27.43 -22.09 2.31
N LEU B 203 -26.52 -21.72 1.41
CA LEU B 203 -26.68 -22.06 0.00
C LEU B 203 -26.58 -23.58 -0.17
N ALA B 204 -25.65 -24.19 0.55
CA ALA B 204 -25.51 -25.64 0.51
C ALA B 204 -26.75 -26.35 1.05
N GLN B 205 -27.29 -25.86 2.16
CA GLN B 205 -28.48 -26.47 2.73
CA GLN B 205 -28.50 -26.43 2.76
C GLN B 205 -29.69 -26.32 1.79
N THR B 206 -29.72 -25.22 1.05
CA THR B 206 -30.83 -24.94 0.13
C THR B 206 -30.84 -25.79 -1.15
N VAL B 207 -29.71 -25.90 -1.83
CA VAL B 207 -29.66 -26.63 -3.09
CA VAL B 207 -29.66 -26.63 -3.09
C VAL B 207 -30.12 -28.08 -2.92
N ARG B 208 -29.77 -28.68 -1.79
CA ARG B 208 -30.20 -30.04 -1.48
C ARG B 208 -31.71 -30.19 -1.45
N GLN B 209 -32.42 -29.16 -1.01
CA GLN B 209 -33.89 -29.17 -0.98
C GLN B 209 -34.47 -29.46 -2.36
N PHE B 210 -33.75 -29.05 -3.41
CA PHE B 210 -34.19 -29.30 -4.78
C PHE B 210 -33.75 -30.68 -5.26
ZN ZN C . 8.03 7.63 -5.32
CL CL D . 7.09 6.07 -9.93
CL CL E . -3.59 -6.28 -12.87
CL CL F . 20.27 7.80 -17.95
C42 PE3 G . 29.68 3.01 -13.05
C41 PE3 G . 30.44 1.67 -12.99
O40 PE3 G . 31.41 1.64 -11.93
C39 PE3 G . 32.10 0.37 -11.96
C38 PE3 G . 32.78 0.19 -13.31
O37 PE3 G . 33.46 -1.08 -13.35
C42 PE3 H . 22.35 -4.53 -10.98
C41 PE3 H . 22.14 -4.95 -9.52
O40 PE3 H . 21.02 -5.83 -9.47
C39 PE3 H . 20.78 -6.24 -8.12
C38 PE3 H . 19.55 -7.11 -8.13
O37 PE3 H . 19.25 -7.53 -6.80
C41 PE3 I . 23.55 -2.24 6.85
O40 PE3 I . 23.83 -0.91 6.38
C39 PE3 I . 23.27 0.08 7.27
C38 PE3 I . 23.87 -0.09 8.68
O37 PE3 I . 23.31 0.92 9.55
C36 PE3 I . 23.84 0.78 10.88
O43 PE3 J . 39.72 -0.11 -8.82
C42 PE3 J . 39.77 0.94 -9.78
C41 PE3 J . 39.67 2.35 -9.14
O40 PE3 J . 40.70 2.77 -8.19
C39 PE3 J . 40.75 1.96 -7.01
C38 PE3 J . 41.83 2.39 -6.04
O37 PE3 J . 41.73 1.49 -4.91
ZN ZN K . -8.59 -6.47 6.03
S SO4 L . 7.50 -15.81 0.22
O1 SO4 L . 8.84 -15.27 0.26
O2 SO4 L . 7.54 -17.25 0.41
O3 SO4 L . 6.67 -15.18 1.23
O4 SO4 L . 6.93 -15.53 -1.10
CL CL M . -5.35 -9.96 7.04
CL CL N . 12.23 -11.68 2.15
CL CL O . 5.12 -9.40 -3.79
#